data_7P1E
#
_entry.id   7P1E
#
_cell.length_a   61.348
_cell.length_b   66.743
_cell.length_c   92.635
_cell.angle_alpha   90.000
_cell.angle_beta   90.000
_cell.angle_gamma   90.000
#
_symmetry.space_group_name_H-M   'P 21 2 21'
#
loop_
_entity.id
_entity.type
_entity.pdbx_description
1 polymer 'Sialidase domain-containing protein'
2 non-polymer '3-deoxy-3-fluoro-D-erythro-alpha-L-manno-non-2-ulopyranosonic acid'
3 non-polymer '(2R,3R,4R,5R,6S)-2,3-bis(fluoranyl)-4,5-bis(oxidanyl)-6-[(1R,2R)-1,2,3-tris(oxidanyl)propyl]oxane-2-carboxylic acid'
4 non-polymer GLYCEROL
5 non-polymer 'CHLORIDE ION'
6 non-polymer 'CALCIUM ION'
7 water water
#
_entity_poly.entity_id   1
_entity_poly.type   'polypeptide(L)'
_entity_poly.pdbx_seq_one_letter_code
;MGSSHHHHHHSSGLVPRGSHMASNVNDPAKDATPYHVEFPLFRSANMASADKLSTGVGFHSFRIPAVVRTTTGRILAFAE
GRRHDNRDFGDINLVYKRTKTTSDNGATLSDWESLREVVGSGDGTWGNPTPVVD(SNN)GTIYLFLSWNNGSYSQKGGDE
LPDGTITKKIDTTWYGRRHLYLTTSTDDGNTWSKPQDLTKELTPDGWSWDAVGPGNGIKLSSGELVVPAMGRNIVGRGTP
GQRTWSVQRLNGAGAEGTVCETPDGKLYRNDRPSKAGYRIVARGTLSDGFSDFASDSGLPDPACQGSVLKYNTDAPPRTI
FLNSASSDSRRQMRVRISYDADAAKYDYGRKLADAPVSGAGYEGGYSSMTKTADYKIGALVESDFFNDGTGGGSYRSIIW
RRFNLSWILNGPNN
;
_entity_poly.pdbx_strand_id   A
#
loop_
_chem_comp.id
_chem_comp.type
_chem_comp.name
_chem_comp.formula
CA non-polymer 'CALCIUM ION' 'Ca 2'
CL non-polymer 'CHLORIDE ION' 'Cl -1'
FKD L-saccharide, alpha linking '3-deoxy-3-fluoro-D-erythro-alpha-L-manno-non-2-ulopyranosonic acid' 'C9 H15 F O9'
GOL non-polymer GLYCEROL 'C3 H8 O3'
K99 D-saccharide '(2R,3R,4R,5R,6S)-2,3-bis(fluoranyl)-4,5-bis(oxidanyl)-6-[(1R,2R)-1,2,3-tris(oxidanyl)propyl]oxane-2-carboxylic acid' 'C9 H14 F2 O8'
#
# COMPACT_ATOMS: atom_id res chain seq x y z
N ASP A 27 5.86 -26.94 -8.14
CA ASP A 27 5.10 -26.27 -7.03
C ASP A 27 3.79 -27.00 -6.76
N PRO A 28 3.66 -27.60 -5.58
CA PRO A 28 2.47 -28.41 -5.28
C PRO A 28 1.18 -27.64 -5.24
N ALA A 29 1.27 -26.33 -5.01
CA ALA A 29 0.07 -25.49 -4.99
C ALA A 29 -0.59 -25.45 -6.37
N LYS A 30 0.15 -25.78 -7.44
CA LYS A 30 -0.42 -25.82 -8.78
C LYS A 30 -1.51 -26.87 -8.89
N ASP A 31 -1.50 -27.87 -8.00
CA ASP A 31 -2.48 -28.96 -8.03
C ASP A 31 -3.90 -28.56 -7.66
N ALA A 32 -4.07 -27.42 -6.99
CA ALA A 32 -5.41 -26.93 -6.68
C ALA A 32 -6.04 -26.39 -7.93
N THR A 33 -7.37 -26.46 -8.01
CA THR A 33 -8.08 -25.80 -9.07
C THR A 33 -7.80 -24.30 -8.97
N PRO A 34 -7.53 -23.66 -10.11
CA PRO A 34 -7.30 -22.21 -10.03
C PRO A 34 -8.54 -21.51 -9.52
N TYR A 35 -8.34 -20.54 -8.62
CA TYR A 35 -9.43 -19.74 -8.09
C TYR A 35 -9.10 -18.26 -8.26
N HIS A 36 -10.07 -17.48 -8.70
CA HIS A 36 -9.89 -16.01 -8.72
C HIS A 36 -11.24 -15.32 -8.67
N VAL A 37 -11.31 -14.24 -7.91
CA VAL A 37 -12.50 -13.36 -7.92
C VAL A 37 -12.00 -11.94 -7.90
N GLU A 38 -12.77 -11.05 -8.50
CA GLU A 38 -12.33 -9.68 -8.58
C GLU A 38 -13.54 -8.76 -8.71
N PHE A 39 -13.52 -7.68 -7.97
CA PHE A 39 -14.59 -6.68 -8.07
C PHE A 39 -14.16 -5.33 -7.47
N PRO A 40 -14.75 -4.23 -7.94
CA PRO A 40 -14.44 -2.95 -7.30
C PRO A 40 -14.89 -2.90 -5.83
N LEU A 41 -13.99 -2.39 -4.97
CA LEU A 41 -14.28 -2.29 -3.54
C LEU A 41 -14.38 -0.84 -3.10
N PHE A 42 -13.60 0.03 -3.72
CA PHE A 42 -13.73 1.48 -3.48
C PHE A 42 -14.17 2.14 -4.77
N ARG A 43 -15.42 2.60 -4.75
CA ARG A 43 -16.11 3.01 -5.94
C ARG A 43 -16.23 4.53 -5.98
N SER A 44 -15.60 5.10 -7.01
CA SER A 44 -15.55 6.56 -7.23
C SER A 44 -16.93 7.16 -7.48
N ALA A 45 -16.98 8.49 -7.41
CA ALA A 45 -18.25 9.23 -7.39
C ALA A 45 -19.13 8.97 -8.60
N ASN A 46 -18.53 8.59 -9.73
CA ASN A 46 -19.22 8.35 -10.99
C ASN A 46 -19.92 6.99 -11.03
N MET A 47 -19.59 6.11 -10.10
CA MET A 47 -20.12 4.76 -10.13
C MET A 47 -21.46 4.64 -9.41
N ALA A 48 -22.25 3.68 -9.84
CA ALA A 48 -23.59 3.44 -9.29
C ALA A 48 -23.64 3.41 -7.77
N SER A 49 -22.72 2.70 -7.17
CA SER A 49 -22.77 2.50 -5.73
C SER A 49 -21.59 3.20 -5.12
N ALA A 50 -21.33 4.42 -5.58
CA ALA A 50 -20.20 5.23 -5.10
C ALA A 50 -20.15 5.22 -3.58
N ASP A 51 -18.96 5.01 -3.04
CA ASP A 51 -18.83 4.88 -1.62
C ASP A 51 -18.80 6.24 -0.94
N LYS A 52 -19.63 6.36 0.09
CA LYS A 52 -19.67 7.53 0.96
C LYS A 52 -19.67 7.10 2.41
N LEU A 53 -19.23 8.00 3.28
CA LEU A 53 -19.34 7.75 4.71
C LEU A 53 -20.78 7.84 5.18
N SER A 54 -21.04 7.33 6.37
CA SER A 54 -22.40 7.34 6.93
C SER A 54 -22.89 8.77 7.15
N THR A 55 -21.98 9.73 7.24
CA THR A 55 -22.33 11.15 7.38
C THR A 55 -22.88 11.75 6.09
N GLY A 56 -22.71 11.07 4.97
CA GLY A 56 -23.04 11.63 3.64
C GLY A 56 -21.88 12.14 2.81
N VAL A 57 -20.69 12.16 3.41
CA VAL A 57 -19.50 12.66 2.72
C VAL A 57 -19.01 11.65 1.68
N GLY A 58 -18.96 12.06 0.41
CA GLY A 58 -18.46 11.23 -0.67
C GLY A 58 -17.10 11.69 -1.16
N PHE A 59 -16.60 10.99 -2.17
CA PHE A 59 -15.25 11.17 -2.69
C PHE A 59 -15.23 10.99 -4.17
N HIS A 60 -14.60 11.94 -4.86
CA HIS A 60 -14.42 11.88 -6.29
C HIS A 60 -13.69 10.58 -6.65
N SER A 61 -12.56 10.38 -5.96
CA SER A 61 -11.65 9.30 -6.27
C SER A 61 -11.14 8.62 -5.01
N PHE A 62 -10.75 7.36 -5.16
CA PHE A 62 -10.03 6.64 -4.14
C PHE A 62 -8.74 6.15 -4.75
N ARG A 63 -7.62 6.37 -4.06
CA ARG A 63 -6.32 5.95 -4.55
C ARG A 63 -5.31 5.78 -3.40
N ILE A 64 -4.36 4.88 -3.60
CA ILE A 64 -3.31 4.60 -2.61
C ILE A 64 -3.78 3.53 -1.60
N PRO A 65 -3.95 2.30 -2.11
CA PRO A 65 -4.49 1.22 -1.29
C PRO A 65 -3.49 0.63 -0.29
N ALA A 66 -4.03 0.08 0.79
CA ALA A 66 -3.24 -0.71 1.72
C ALA A 66 -4.19 -1.77 2.27
N VAL A 67 -3.71 -3.01 2.38
CA VAL A 67 -4.58 -4.06 2.93
C VAL A 67 -3.82 -4.96 3.89
N VAL A 68 -4.48 -5.35 4.99
CA VAL A 68 -3.92 -6.35 5.91
C VAL A 68 -5.04 -7.27 6.39
N ARG A 69 -4.71 -8.56 6.47
CA ARG A 69 -5.50 -9.51 7.25
C ARG A 69 -5.01 -9.41 8.70
N THR A 70 -5.95 -9.30 9.64
CA THR A 70 -5.63 -9.21 11.05
C THR A 70 -5.47 -10.62 11.64
N THR A 71 -5.08 -10.72 12.89
CA THR A 71 -4.91 -12.06 13.47
C THR A 71 -6.24 -12.77 13.70
N THR A 72 -7.37 -12.06 13.60
CA THR A 72 -8.67 -12.71 13.71
C THR A 72 -9.10 -13.30 12.39
N GLY A 73 -8.49 -12.84 11.30
CA GLY A 73 -8.89 -13.24 9.94
C GLY A 73 -9.73 -12.14 9.24
N ARG A 74 -10.14 -11.14 10.00
CA ARG A 74 -10.82 -9.97 9.41
C ARG A 74 -9.83 -9.31 8.45
N ILE A 75 -10.33 -8.71 7.39
CA ILE A 75 -9.48 -7.97 6.46
C ILE A 75 -9.82 -6.47 6.58
N LEU A 76 -8.75 -5.66 6.58
CA LEU A 76 -8.84 -4.20 6.67
C LEU A 76 -8.22 -3.64 5.40
N ALA A 77 -9.06 -2.88 4.66
CA ALA A 77 -8.64 -2.24 3.41
C ALA A 77 -8.69 -0.72 3.61
N PHE A 78 -7.57 -0.07 3.32
CA PHE A 78 -7.44 1.38 3.49
C PHE A 78 -7.21 2.06 2.16
N ALA A 79 -7.59 3.34 2.09
CA ALA A 79 -7.34 4.16 0.92
C ALA A 79 -7.37 5.63 1.26
N GLU A 80 -6.80 6.42 0.37
CA GLU A 80 -7.03 7.85 0.36
C GLU A 80 -8.35 8.14 -0.33
N GLY A 81 -9.25 8.77 0.40
CA GLY A 81 -10.49 9.29 -0.17
C GLY A 81 -10.21 10.72 -0.62
N ARG A 82 -10.07 10.89 -1.92
CA ARG A 82 -9.70 12.18 -2.47
C ARG A 82 -11.01 12.90 -2.82
N ARG A 83 -11.34 13.89 -2.01
CA ARG A 83 -12.65 14.51 -2.08
C ARG A 83 -13.15 15.09 -3.39
N HIS A 84 -12.37 16.01 -3.94
CA HIS A 84 -12.76 16.80 -5.07
C HIS A 84 -12.24 16.46 -6.44
N ASP A 85 -11.12 15.78 -6.50
CA ASP A 85 -10.53 15.36 -7.75
C ASP A 85 -9.48 14.30 -7.39
N ASN A 86 -8.74 13.83 -8.37
CA ASN A 86 -7.80 12.71 -8.15
C ASN A 86 -6.38 13.14 -7.73
N ARG A 87 -6.15 14.43 -7.54
CA ARG A 87 -4.81 14.94 -7.30
C ARG A 87 -4.31 14.59 -5.89
N ASP A 88 -2.99 14.63 -5.70
CA ASP A 88 -2.34 14.10 -4.51
C ASP A 88 -2.42 15.02 -3.28
N PHE A 89 -2.94 16.23 -3.47
CA PHE A 89 -2.99 17.27 -2.45
C PHE A 89 -4.43 17.78 -2.32
N GLY A 90 -4.64 18.73 -1.43
CA GLY A 90 -5.99 19.21 -1.14
C GLY A 90 -6.62 18.34 -0.09
N ASP A 91 -7.95 18.36 -0.01
CA ASP A 91 -8.65 17.76 1.10
C ASP A 91 -8.82 16.27 0.81
N ILE A 92 -8.05 15.46 1.53
CA ILE A 92 -7.96 13.99 1.33
C ILE A 92 -8.04 13.37 2.71
N ASN A 93 -8.97 12.40 2.85
CA ASN A 93 -9.22 11.73 4.12
C ASN A 93 -8.76 10.29 4.03
N LEU A 94 -8.38 9.72 5.16
CA LEU A 94 -7.94 8.31 5.17
C LEU A 94 -9.18 7.48 5.50
N VAL A 95 -9.62 6.69 4.50
CA VAL A 95 -10.85 5.93 4.63
C VAL A 95 -10.54 4.44 4.64
N TYR A 96 -11.53 3.65 5.02
CA TYR A 96 -11.32 2.20 5.07
C TYR A 96 -12.61 1.41 5.04
N LYS A 97 -12.45 0.11 4.78
CA LYS A 97 -13.52 -0.87 4.93
C LYS A 97 -12.95 -2.09 5.64
N ARG A 98 -13.81 -2.74 6.45
CA ARG A 98 -13.45 -4.04 7.01
C ARG A 98 -14.38 -5.05 6.43
N THR A 99 -13.94 -6.31 6.45
CA THR A 99 -14.89 -7.37 6.23
C THR A 99 -15.87 -7.43 7.40
N LYS A 100 -17.09 -7.80 7.08
CA LYS A 100 -18.16 -7.85 8.10
C LYS A 100 -17.86 -8.81 9.23
N THR A 101 -17.19 -9.92 8.92
CA THR A 101 -16.87 -10.91 9.91
C THR A 101 -15.39 -11.19 9.89
N THR A 102 -14.97 -12.05 10.80
CA THR A 102 -13.56 -12.46 10.86
C THR A 102 -13.25 -13.66 9.96
N SER A 103 -14.27 -14.23 9.33
CA SER A 103 -14.07 -15.50 8.63
C SER A 103 -14.67 -15.56 7.22
N ASP A 104 -15.05 -14.42 6.67
CA ASP A 104 -15.56 -14.40 5.30
C ASP A 104 -14.50 -14.16 4.24
N ASN A 105 -13.33 -13.69 4.67
CA ASN A 105 -12.21 -13.48 3.78
C ASN A 105 -12.47 -12.52 2.62
N GLY A 106 -13.49 -11.66 2.78
CA GLY A 106 -13.82 -10.71 1.75
C GLY A 106 -14.17 -11.33 0.42
N ALA A 107 -14.74 -12.52 0.43
CA ALA A 107 -14.94 -13.32 -0.79
C ALA A 107 -15.93 -12.69 -1.80
N THR A 108 -16.91 -11.94 -1.30
CA THR A 108 -17.92 -11.28 -2.11
C THR A 108 -18.09 -9.87 -1.64
N LEU A 109 -18.69 -9.03 -2.49
CA LEU A 109 -18.94 -7.64 -2.16
C LEU A 109 -19.77 -7.53 -0.89
N SER A 110 -20.77 -8.41 -0.74
CA SER A 110 -21.63 -8.41 0.44
C SER A 110 -20.90 -8.77 1.74
N ASP A 111 -19.65 -9.21 1.65
CA ASP A 111 -18.83 -9.48 2.83
C ASP A 111 -18.09 -8.26 3.35
N TRP A 112 -18.29 -7.12 2.73
CA TRP A 112 -17.58 -5.91 3.14
C TRP A 112 -18.50 -4.90 3.77
N GLU A 113 -18.07 -4.36 4.90
CA GLU A 113 -18.76 -3.26 5.51
C GLU A 113 -18.78 -2.02 4.61
N SER A 114 -19.72 -1.12 4.90
CA SER A 114 -19.72 0.26 4.37
C SER A 114 -18.47 1.09 4.72
N LEU A 115 -18.18 2.08 3.89
CA LEU A 115 -17.03 2.95 4.06
C LEU A 115 -17.00 3.62 5.42
N ARG A 116 -15.83 3.63 6.02
CA ARG A 116 -15.56 4.34 7.27
C ARG A 116 -14.34 5.22 7.10
N GLU A 117 -14.12 6.07 8.10
CA GLU A 117 -13.00 7.01 8.12
C GLU A 117 -12.08 6.78 9.32
N VAL A 118 -10.79 6.66 9.04
CA VAL A 118 -9.77 6.65 10.08
C VAL A 118 -9.56 8.08 10.58
N VAL A 119 -9.28 8.97 9.65
CA VAL A 119 -9.05 10.37 9.97
C VAL A 119 -9.31 11.23 8.76
N GLY A 120 -9.96 12.39 8.98
CA GLY A 120 -10.20 13.32 7.89
C GLY A 120 -10.19 14.78 8.32
N SER A 121 -9.62 15.04 9.49
CA SER A 121 -9.66 16.36 10.09
C SER A 121 -8.90 17.39 9.26
N GLY A 122 -9.54 18.54 9.04
CA GLY A 122 -8.93 19.63 8.28
C GLY A 122 -9.05 19.48 6.79
N ASP A 123 -8.57 20.48 6.06
CA ASP A 123 -8.63 20.48 4.61
C ASP A 123 -7.30 20.10 3.97
N GLY A 124 -6.40 19.54 4.77
CA GLY A 124 -5.13 19.02 4.31
C GLY A 124 -5.22 17.56 3.86
N THR A 125 -4.07 16.98 3.62
CA THR A 125 -3.94 15.67 3.01
C THR A 125 -3.57 14.65 4.07
N TRP A 126 -4.45 13.68 4.34
CA TRP A 126 -4.12 12.49 5.13
C TRP A 126 -4.00 11.31 4.17
N GLY A 127 -2.83 10.69 4.15
CA GLY A 127 -2.60 9.64 3.18
C GLY A 127 -1.48 8.67 3.47
N ASN A 128 -1.06 7.98 2.41
CA ASN A 128 0.02 7.00 2.51
C ASN A 128 -0.22 5.93 3.57
N PRO A 129 -1.40 5.29 3.53
CA PRO A 129 -1.63 4.27 4.54
C PRO A 129 -0.58 3.14 4.48
N THR A 130 0.02 2.89 5.62
CA THR A 130 1.03 1.85 5.77
C THR A 130 0.79 1.11 7.08
N PRO A 131 -0.11 0.12 7.07
CA PRO A 131 -0.42 -0.66 8.28
C PRO A 131 0.55 -1.79 8.53
N VAL A 132 0.72 -2.16 9.80
CA VAL A 132 1.38 -3.41 10.14
C VAL A 132 0.64 -4.04 11.34
N VAL A 133 0.41 -5.33 11.26
CA VAL A 133 -0.33 -6.08 12.29
C VAL A 133 0.65 -6.65 13.30
N ASP A 134 0.36 -6.43 14.58
CA ASP A 134 1.18 -6.92 15.70
C ASP A 134 0.26 -7.49 16.81
N1 SNN A 135 -2.81 -8.32 18.51
C SNN A 135 -2.29 -8.73 17.39
CA SNN A 135 -0.99 -9.46 17.61
N SNN A 135 0.04 -8.87 16.79
C4 SNN A 135 -0.75 -9.29 19.10
C5 SNN A 135 -2.00 -8.55 19.55
O SNN A 135 -2.75 -8.50 16.27
O5 SNN A 135 -2.23 -8.22 20.68
CA GLY A 136 -4.08 -7.59 18.73
C GLY A 136 -4.09 -6.10 18.46
N THR A 137 -2.99 -5.56 17.91
CA THR A 137 -2.91 -4.16 17.60
C THR A 137 -2.63 -4.02 16.12
N ILE A 138 -3.32 -3.10 15.46
CA ILE A 138 -2.93 -2.70 14.11
C ILE A 138 -2.35 -1.31 14.18
N TYR A 139 -1.09 -1.16 13.75
CA TYR A 139 -0.43 0.11 13.71
C TYR A 139 -0.59 0.68 12.30
N LEU A 140 -1.13 1.89 12.16
CA LEU A 140 -1.28 2.48 10.82
C LEU A 140 -0.50 3.78 10.76
N PHE A 141 0.60 3.73 10.01
CA PHE A 141 1.42 4.88 9.74
C PHE A 141 0.86 5.65 8.56
N LEU A 142 0.92 6.98 8.63
CA LEU A 142 0.33 7.84 7.62
C LEU A 142 1.27 8.99 7.34
N SER A 143 1.11 9.59 6.17
CA SER A 143 1.72 10.89 5.89
C SER A 143 0.66 11.95 5.91
N TRP A 144 1.06 13.18 6.18
CA TRP A 144 0.17 14.34 6.18
C TRP A 144 0.89 15.57 5.64
N ASN A 145 0.16 16.40 4.89
CA ASN A 145 0.59 17.78 4.63
C ASN A 145 -0.57 18.78 4.77
N ASN A 146 -0.18 20.02 5.04
CA ASN A 146 -1.11 21.13 5.13
C ASN A 146 -1.78 21.33 3.77
N GLY A 147 -3.04 21.74 3.83
CA GLY A 147 -3.88 21.86 2.65
C GLY A 147 -3.51 23.01 1.73
N SER A 148 -2.56 23.85 2.17
CA SER A 148 -2.05 24.95 1.33
C SER A 148 -0.78 24.57 0.57
N TYR A 149 -0.36 23.31 0.68
CA TYR A 149 0.91 22.89 0.10
C TYR A 149 0.77 21.68 -0.79
N SER A 150 1.65 21.59 -1.78
CA SER A 150 1.71 20.42 -2.65
C SER A 150 3.16 20.08 -2.97
N GLN A 151 3.38 18.85 -3.43
CA GLN A 151 4.72 18.36 -3.69
C GLN A 151 5.51 19.27 -4.64
N LYS A 152 4.85 19.77 -5.68
CA LYS A 152 5.49 20.68 -6.65
C LYS A 152 5.29 22.15 -6.34
N GLY A 153 4.18 22.49 -5.69
CA GLY A 153 3.76 23.87 -5.54
C GLY A 153 3.18 24.40 -6.85
N GLY A 154 2.49 25.54 -6.75
CA GLY A 154 1.87 26.18 -7.89
C GLY A 154 0.60 25.56 -8.44
N ASP A 155 -0.02 24.66 -7.68
CA ASP A 155 -1.26 24.03 -8.11
C ASP A 155 -2.46 24.83 -7.66
N GLU A 156 -3.51 24.82 -8.47
CA GLU A 156 -4.70 25.59 -8.12
C GLU A 156 -5.69 24.72 -7.36
N LEU A 157 -6.15 25.18 -6.22
CA LEU A 157 -7.17 24.49 -5.43
C LEU A 157 -8.58 24.89 -5.87
N PRO A 158 -9.61 24.12 -5.45
CA PRO A 158 -10.99 24.46 -5.82
C PRO A 158 -11.40 25.91 -5.56
N ASP A 159 -10.97 26.49 -4.44
CA ASP A 159 -11.33 27.87 -4.11
C ASP A 159 -10.44 28.93 -4.77
N GLY A 160 -9.53 28.54 -5.67
CA GLY A 160 -8.67 29.49 -6.38
C GLY A 160 -7.28 29.72 -5.78
N THR A 161 -7.09 29.34 -4.53
CA THR A 161 -5.77 29.40 -3.89
C THR A 161 -4.74 28.63 -4.72
N ILE A 162 -3.53 29.15 -4.78
CA ILE A 162 -2.42 28.48 -5.42
C ILE A 162 -1.57 27.87 -4.32
N THR A 163 -1.16 26.61 -4.48
CA THR A 163 -0.39 25.95 -3.41
C THR A 163 1.05 26.45 -3.34
N LYS A 164 1.58 26.43 -2.14
CA LYS A 164 3.00 26.57 -1.94
C LYS A 164 3.67 25.22 -2.03
N LYS A 165 4.94 25.21 -2.40
CA LYS A 165 5.69 23.97 -2.49
C LYS A 165 6.04 23.46 -1.10
N ILE A 166 5.81 22.16 -0.85
CA ILE A 166 6.28 21.49 0.38
C ILE A 166 7.73 21.89 0.65
N ASP A 167 7.97 22.33 1.88
CA ASP A 167 9.30 22.82 2.28
C ASP A 167 9.79 22.22 3.61
N THR A 168 10.89 22.74 4.15
CA THR A 168 11.49 22.19 5.36
C THR A 168 10.90 22.82 6.63
N THR A 169 9.96 23.74 6.51
CA THR A 169 9.40 24.36 7.72
C THR A 169 8.48 23.34 8.40
N TRP A 170 8.26 23.50 9.70
CA TRP A 170 7.30 22.68 10.43
C TRP A 170 5.91 22.74 9.81
N TYR A 171 5.47 23.94 9.44
CA TYR A 171 4.14 24.17 8.89
C TYR A 171 3.99 23.57 7.48
N GLY A 172 5.09 23.54 6.72
CA GLY A 172 5.04 23.26 5.29
C GLY A 172 5.69 21.96 4.85
N ARG A 173 6.19 21.17 5.80
CA ARG A 173 6.81 19.91 5.51
C ARG A 173 5.80 18.75 5.59
N ARG A 174 6.22 17.58 5.11
CA ARG A 174 5.40 16.34 5.22
C ARG A 174 5.65 15.75 6.58
N HIS A 175 4.55 15.48 7.29
CA HIS A 175 4.56 14.91 8.63
C HIS A 175 4.29 13.41 8.58
N LEU A 176 4.66 12.74 9.66
CA LEU A 176 4.48 11.31 9.82
C LEU A 176 3.59 11.13 11.04
N TYR A 177 2.48 10.43 10.84
CA TYR A 177 1.53 10.18 11.91
C TYR A 177 1.36 8.68 12.17
N LEU A 178 0.96 8.36 13.40
CA LEU A 178 0.64 6.99 13.78
C LEU A 178 -0.73 6.95 14.48
N THR A 179 -1.61 6.09 13.97
CA THR A 179 -2.89 5.78 14.65
C THR A 179 -2.97 4.28 14.86
N THR A 180 -3.65 3.88 15.93
CA THR A 180 -3.68 2.47 16.31
CA THR A 180 -3.64 2.50 16.37
C THR A 180 -5.08 1.99 16.52
N SER A 181 -5.29 0.72 16.24
CA SER A 181 -6.54 0.04 16.58
C SER A 181 -6.25 -1.19 17.41
N THR A 182 -7.00 -1.37 18.50
CA THR A 182 -6.89 -2.54 19.34
C THR A 182 -8.19 -3.32 19.36
N ASP A 183 -9.12 -2.96 18.46
CA ASP A 183 -10.43 -3.62 18.36
C ASP A 183 -10.71 -4.08 16.91
N ASP A 184 -9.67 -4.64 16.28
CA ASP A 184 -9.80 -5.25 14.95
C ASP A 184 -10.26 -4.22 13.92
N GLY A 185 -9.78 -2.99 14.06
CA GLY A 185 -10.09 -1.93 13.13
C GLY A 185 -11.41 -1.24 13.33
N ASN A 186 -12.13 -1.55 14.41
CA ASN A 186 -13.44 -0.93 14.61
C ASN A 186 -13.30 0.55 14.90
N THR A 187 -12.33 0.89 15.75
CA THR A 187 -12.02 2.29 16.04
C THR A 187 -10.51 2.56 16.06
N TRP A 188 -10.16 3.83 15.91
CA TRP A 188 -8.79 4.28 15.71
C TRP A 188 -8.46 5.41 16.67
N SER A 189 -7.27 5.37 17.23
CA SER A 189 -6.81 6.41 18.15
C SER A 189 -6.58 7.69 17.39
N LYS A 190 -6.65 8.82 18.08
CA LYS A 190 -6.35 10.09 17.42
C LYS A 190 -4.90 10.05 16.91
N PRO A 191 -4.68 10.35 15.62
CA PRO A 191 -3.30 10.17 15.14
C PRO A 191 -2.30 11.04 15.87
N GLN A 192 -1.17 10.45 16.19
CA GLN A 192 -0.08 11.09 16.92
C GLN A 192 1.01 11.47 15.91
N ASP A 193 1.46 12.71 16.01
CA ASP A 193 2.50 13.24 15.12
C ASP A 193 3.84 12.77 15.63
N LEU A 194 4.49 11.88 14.88
CA LEU A 194 5.82 11.35 15.20
C LEU A 194 6.93 11.89 14.27
N THR A 195 6.65 12.99 13.58
CA THR A 195 7.60 13.63 12.65
C THR A 195 8.98 13.90 13.30
N LYS A 196 8.97 14.54 14.46
CA LYS A 196 10.23 14.92 15.12
C LYS A 196 11.01 13.70 15.58
N GLU A 197 10.30 12.61 15.82
CA GLU A 197 10.89 11.38 16.34
C GLU A 197 11.32 10.44 15.22
N LEU A 198 10.59 10.41 14.11
CA LEU A 198 10.82 9.35 13.13
C LEU A 198 11.06 9.81 11.69
N THR A 199 11.14 11.13 11.47
CA THR A 199 11.57 11.70 10.20
C THR A 199 12.77 12.58 10.47
N PRO A 200 13.83 12.46 9.66
CA PRO A 200 14.99 13.31 9.93
C PRO A 200 14.67 14.78 9.90
N ASP A 201 15.27 15.55 10.81
CA ASP A 201 15.21 17.00 10.73
C ASP A 201 15.73 17.48 9.37
N GLY A 202 15.13 18.56 8.88
CA GLY A 202 15.53 19.20 7.64
C GLY A 202 14.89 18.64 6.40
N TRP A 203 14.09 17.57 6.55
CA TRP A 203 13.42 17.01 5.39
C TRP A 203 12.23 17.86 5.00
N SER A 204 11.92 17.85 3.71
CA SER A 204 10.75 18.55 3.20
C SER A 204 9.73 17.51 2.83
N TRP A 205 9.85 16.97 1.62
CA TRP A 205 9.04 15.82 1.21
C TRP A 205 9.33 14.61 2.11
N ASP A 206 8.29 13.79 2.28
CA ASP A 206 8.44 12.53 2.95
C ASP A 206 7.28 11.60 2.52
N ALA A 207 7.50 10.31 2.68
CA ALA A 207 6.46 9.33 2.51
C ALA A 207 6.70 8.15 3.43
N VAL A 208 5.61 7.54 3.90
CA VAL A 208 5.67 6.25 4.50
C VAL A 208 4.94 5.27 3.55
N GLY A 209 5.48 4.08 3.37
CA GLY A 209 4.95 3.10 2.40
C GLY A 209 4.75 3.81 1.07
N PRO A 210 3.56 3.76 0.48
CA PRO A 210 2.36 3.14 1.01
C PRO A 210 2.27 1.68 0.77
N GLY A 211 1.44 1.02 1.58
CA GLY A 211 1.17 -0.39 1.37
C GLY A 211 1.11 -1.18 2.67
N ASN A 212 2.25 -1.60 3.18
CA ASN A 212 2.25 -2.37 4.44
C ASN A 212 3.64 -2.47 5.04
N GLY A 213 3.65 -2.66 6.35
CA GLY A 213 4.81 -3.02 7.10
C GLY A 213 4.72 -4.51 7.43
N ILE A 214 5.75 -5.02 8.09
CA ILE A 214 5.84 -6.44 8.37
C ILE A 214 6.29 -6.69 9.82
N LYS A 215 6.06 -7.92 10.27
CA LYS A 215 6.53 -8.39 11.57
C LYS A 215 7.52 -9.52 11.29
N LEU A 216 8.73 -9.43 11.80
CA LEU A 216 9.73 -10.44 11.50
C LEU A 216 9.50 -11.69 12.31
N SER A 217 10.06 -12.78 11.81
CA SER A 217 10.04 -14.06 12.54
C SER A 217 10.61 -13.88 13.94
N SER A 218 11.57 -12.97 14.09
CA SER A 218 12.19 -12.63 15.38
C SER A 218 11.43 -11.56 16.21
N GLY A 219 10.31 -11.06 15.66
CA GLY A 219 9.36 -10.24 16.40
C GLY A 219 9.33 -8.76 16.20
N GLU A 220 10.38 -8.19 15.59
CA GLU A 220 10.42 -6.77 15.33
C GLU A 220 9.40 -6.40 14.24
N LEU A 221 8.94 -5.16 14.30
CA LEU A 221 8.08 -4.57 13.28
C LEU A 221 8.96 -3.71 12.40
N VAL A 222 8.73 -3.77 11.09
CA VAL A 222 9.52 -3.01 10.13
C VAL A 222 8.57 -2.39 9.11
N VAL A 223 8.55 -1.06 9.10
CA VAL A 223 7.66 -0.28 8.24
C VAL A 223 8.52 0.48 7.23
N PRO A 224 8.28 0.24 5.93
CA PRO A 224 9.12 0.94 4.96
C PRO A 224 8.71 2.39 4.77
N ALA A 225 9.70 3.27 4.59
CA ALA A 225 9.45 4.67 4.43
C ALA A 225 10.56 5.23 3.53
N MET A 226 10.39 6.49 3.16
CA MET A 226 11.35 7.18 2.29
C MET A 226 12.70 7.20 2.98
N GLY A 227 13.67 6.63 2.28
CA GLY A 227 15.07 6.55 2.73
C GLY A 227 15.36 5.87 4.05
N ARG A 228 14.45 5.02 4.53
CA ARG A 228 14.59 4.50 5.89
C ARG A 228 13.57 3.42 6.19
N ASN A 229 13.89 2.56 7.16
CA ASN A 229 12.88 1.75 7.82
C ASN A 229 12.55 2.43 9.14
N ILE A 230 11.26 2.37 9.49
CA ILE A 230 10.77 2.66 10.82
C ILE A 230 10.67 1.31 11.56
N VAL A 231 11.35 1.17 12.71
CA VAL A 231 11.54 -0.16 13.29
C VAL A 231 10.94 -0.17 14.70
N GLY A 232 10.05 -1.13 14.93
CA GLY A 232 9.38 -1.27 16.22
C GLY A 232 9.99 -2.43 16.97
N ARG A 233 10.81 -2.13 17.97
CA ARG A 233 11.40 -3.15 18.81
C ARG A 233 10.54 -3.30 20.07
N GLY A 234 11.02 -4.07 21.04
CA GLY A 234 10.21 -4.39 22.22
C GLY A 234 9.39 -5.64 21.99
N THR A 235 8.16 -5.67 22.49
CA THR A 235 7.29 -6.83 22.37
C THR A 235 5.89 -6.30 22.08
N PRO A 236 4.99 -7.20 21.66
CA PRO A 236 3.58 -6.76 21.54
C PRO A 236 3.05 -6.18 22.85
N GLY A 237 2.39 -5.04 22.76
CA GLY A 237 1.91 -4.32 23.91
C GLY A 237 2.91 -3.35 24.50
N GLN A 238 4.16 -3.36 24.00
CA GLN A 238 5.19 -2.48 24.53
C GLN A 238 6.27 -2.23 23.46
N ARG A 239 5.84 -1.55 22.40
CA ARG A 239 6.71 -1.29 21.24
C ARG A 239 7.43 0.02 21.36
N THR A 240 8.66 0.07 20.86
CA THR A 240 9.45 1.29 20.81
C THR A 240 9.95 1.49 19.40
N TRP A 241 9.79 2.70 18.90
CA TRP A 241 10.08 2.98 17.48
C TRP A 241 11.36 3.79 17.30
N SER A 242 12.10 3.44 16.26
CA SER A 242 13.28 4.21 15.87
C SER A 242 13.45 4.10 14.36
N VAL A 243 14.46 4.81 13.85
CA VAL A 243 14.73 4.91 12.40
C VAL A 243 16.01 4.17 12.05
N GLN A 244 15.94 3.31 11.03
CA GLN A 244 17.13 2.78 10.36
C GLN A 244 17.27 3.45 8.99
N ARG A 245 18.21 4.38 8.88
CA ARG A 245 18.39 5.14 7.64
C ARG A 245 19.00 4.24 6.57
N LEU A 246 18.56 4.39 5.32
CA LEU A 246 19.03 3.58 4.20
C LEU A 246 19.42 4.53 3.05
N ASN A 247 20.70 4.83 2.93
CA ASN A 247 21.16 5.66 1.80
C ASN A 247 20.78 4.99 0.48
N GLY A 248 20.23 5.80 -0.43
CA GLY A 248 19.84 5.31 -1.76
C GLY A 248 18.50 4.60 -1.87
N ALA A 249 17.76 4.51 -0.76
CA ALA A 249 16.44 3.89 -0.83
C ALA A 249 15.50 4.82 -1.58
N GLY A 250 14.42 4.24 -2.09
CA GLY A 250 13.38 5.00 -2.70
C GLY A 250 12.56 5.79 -1.72
N ALA A 251 11.64 6.58 -2.27
CA ALA A 251 10.70 7.35 -1.51
C ALA A 251 9.53 6.44 -1.13
N GLU A 252 9.09 5.60 -2.08
CA GLU A 252 8.04 4.61 -1.83
C GLU A 252 8.64 3.21 -1.83
N GLY A 253 8.82 2.68 -0.63
CA GLY A 253 9.45 1.41 -0.44
C GLY A 253 8.51 0.28 -0.07
N THR A 254 8.99 -0.95 -0.29
CA THR A 254 8.31 -2.15 0.16
C THR A 254 9.39 -2.94 0.88
N VAL A 255 8.98 -3.78 1.83
CA VAL A 255 9.90 -4.59 2.61
C VAL A 255 9.29 -5.96 2.89
N CYS A 256 10.12 -7.01 2.88
CA CYS A 256 9.72 -8.28 3.43
C CYS A 256 10.92 -9.05 3.94
N GLU A 257 10.62 -10.10 4.67
CA GLU A 257 11.63 -11.02 5.17
C GLU A 257 11.72 -12.15 4.16
N THR A 258 12.91 -12.36 3.60
CA THR A 258 13.09 -13.41 2.61
C THR A 258 13.31 -14.77 3.30
N PRO A 259 13.22 -15.88 2.57
CA PRO A 259 13.31 -17.19 3.23
C PRO A 259 14.62 -17.45 3.99
N ASP A 260 15.69 -16.77 3.60
CA ASP A 260 16.98 -16.83 4.29
C ASP A 260 16.99 -16.06 5.63
N GLY A 261 15.85 -15.48 6.00
CA GLY A 261 15.76 -14.68 7.21
C GLY A 261 16.20 -13.22 7.11
N LYS A 262 16.74 -12.78 5.96
CA LYS A 262 17.18 -11.39 5.81
C LYS A 262 16.05 -10.49 5.36
N LEU A 263 16.29 -9.19 5.45
CA LEU A 263 15.35 -8.19 4.97
C LEU A 263 15.61 -7.88 3.52
N TYR A 264 14.53 -7.50 2.82
CA TYR A 264 14.53 -7.25 1.37
C TYR A 264 13.70 -5.98 1.12
N ARG A 265 14.35 -4.90 0.69
CA ARG A 265 13.70 -3.66 0.28
C ARG A 265 13.59 -3.69 -1.24
N ASN A 266 12.38 -3.52 -1.75
CA ASN A 266 12.14 -3.48 -3.17
C ASN A 266 11.35 -2.21 -3.44
N ASP A 267 12.04 -1.18 -3.91
CA ASP A 267 11.46 0.17 -3.90
C ASP A 267 11.21 0.69 -5.31
N ARG A 268 10.37 1.71 -5.37
CA ARG A 268 10.07 2.42 -6.60
C ARG A 268 11.30 3.24 -6.99
N PRO A 269 11.72 3.15 -8.27
CA PRO A 269 12.85 3.97 -8.70
C PRO A 269 12.51 5.45 -8.92
N SER A 270 13.52 6.32 -8.90
CA SER A 270 13.27 7.74 -9.10
C SER A 270 12.94 8.02 -10.56
N LYS A 271 13.43 7.18 -11.46
CA LYS A 271 13.06 7.26 -12.88
C LYS A 271 12.59 5.92 -13.39
N ALA A 272 11.71 5.95 -14.38
CA ALA A 272 11.16 4.73 -14.95
C ALA A 272 12.27 3.82 -15.43
N GLY A 273 12.06 2.53 -15.27
CA GLY A 273 13.00 1.51 -15.73
C GLY A 273 12.77 0.20 -15.04
N TYR A 274 13.28 0.12 -13.79
CA TYR A 274 13.37 -1.12 -13.03
C TYR A 274 13.19 -0.81 -11.55
N ARG A 275 12.64 -1.76 -10.81
CA ARG A 275 12.67 -1.68 -9.35
C ARG A 275 14.11 -1.60 -8.86
N ILE A 276 14.31 -0.93 -7.72
CA ILE A 276 15.62 -0.93 -7.06
C ILE A 276 15.53 -1.74 -5.78
N VAL A 277 16.58 -2.52 -5.52
CA VAL A 277 16.57 -3.50 -4.45
C VAL A 277 17.80 -3.40 -3.56
N ALA A 278 17.58 -3.69 -2.29
CA ALA A 278 18.66 -3.78 -1.32
C ALA A 278 18.29 -4.88 -0.32
N ARG A 279 19.31 -5.51 0.26
CA ARG A 279 19.12 -6.54 1.27
C ARG A 279 19.97 -6.24 2.48
N GLY A 280 19.52 -6.65 3.65
CA GLY A 280 20.19 -6.29 4.89
C GLY A 280 19.58 -6.92 6.13
N THR A 281 19.97 -6.39 7.27
CA THR A 281 19.40 -6.78 8.54
C THR A 281 19.26 -5.56 9.41
N LEU A 282 18.47 -5.69 10.47
CA LEU A 282 18.35 -4.62 11.40
C LEU A 282 19.66 -4.36 12.14
N SER A 283 20.39 -5.42 12.46
CA SER A 283 21.60 -5.24 13.28
C SER A 283 22.82 -4.81 12.44
N ASP A 284 22.94 -5.31 11.20
CA ASP A 284 24.09 -4.96 10.36
C ASP A 284 23.85 -3.88 9.27
N GLY A 285 22.60 -3.51 9.05
CA GLY A 285 22.27 -2.53 8.02
C GLY A 285 22.11 -3.16 6.64
N PHE A 286 22.00 -2.30 5.64
CA PHE A 286 21.64 -2.72 4.28
C PHE A 286 22.77 -2.44 3.29
N SER A 287 22.82 -3.29 2.27
CA SER A 287 23.56 -3.02 1.05
C SER A 287 23.10 -1.71 0.38
N ASP A 288 23.87 -1.27 -0.61
CA ASP A 288 23.39 -0.17 -1.42
C ASP A 288 22.23 -0.70 -2.32
N PHE A 289 21.38 0.20 -2.78
CA PHE A 289 20.34 -0.17 -3.73
C PHE A 289 20.89 -0.34 -5.14
N ALA A 290 20.40 -1.36 -5.86
CA ALA A 290 20.72 -1.57 -7.29
C ALA A 290 19.48 -1.91 -8.12
N SER A 291 19.49 -1.49 -9.38
CA SER A 291 18.41 -1.84 -10.30
C SER A 291 18.31 -3.33 -10.47
N ASP A 292 17.08 -3.85 -10.42
CA ASP A 292 16.81 -5.25 -10.66
C ASP A 292 16.27 -5.40 -12.08
N SER A 293 17.13 -5.89 -12.97
CA SER A 293 16.79 -5.93 -14.41
C SER A 293 15.68 -6.91 -14.73
N GLY A 294 15.40 -7.82 -13.79
CA GLY A 294 14.29 -8.75 -13.92
C GLY A 294 12.92 -8.15 -13.60
N LEU A 295 12.89 -6.98 -12.97
CA LEU A 295 11.61 -6.36 -12.58
C LEU A 295 11.40 -4.98 -13.18
N PRO A 296 10.94 -4.92 -14.45
CA PRO A 296 10.67 -3.59 -14.98
C PRO A 296 9.58 -2.89 -14.21
N ASP A 297 9.65 -1.57 -14.20
CA ASP A 297 8.74 -0.73 -13.42
C ASP A 297 8.66 0.62 -14.09
N PRO A 298 7.47 1.24 -14.13
CA PRO A 298 7.36 2.52 -14.83
C PRO A 298 7.52 3.75 -13.95
N ALA A 299 8.17 3.60 -12.81
CA ALA A 299 8.18 4.58 -11.71
C ALA A 299 6.78 4.67 -11.09
N CYS A 300 6.43 3.60 -10.40
CA CYS A 300 5.17 3.44 -9.73
C CYS A 300 5.37 2.60 -8.47
N GLN A 301 4.51 2.80 -7.49
CA GLN A 301 4.51 1.95 -6.30
C GLN A 301 4.25 0.47 -6.66
N GLY A 302 4.81 -0.41 -5.84
CA GLY A 302 4.63 -1.83 -5.94
C GLY A 302 4.31 -2.42 -4.58
N SER A 303 4.15 -3.74 -4.53
CA SER A 303 3.89 -4.45 -3.28
C SER A 303 4.60 -5.80 -3.27
N VAL A 304 4.89 -6.26 -2.06
CA VAL A 304 5.62 -7.51 -1.88
C VAL A 304 4.99 -8.20 -0.67
N LEU A 305 5.04 -9.53 -0.69
CA LEU A 305 4.43 -10.32 0.37
C LEU A 305 5.22 -11.60 0.65
N LYS A 306 5.58 -11.80 1.91
CA LYS A 306 6.11 -13.10 2.35
C LYS A 306 4.91 -14.04 2.44
N TYR A 307 4.86 -15.09 1.60
CA TYR A 307 3.67 -15.96 1.56
C TYR A 307 3.71 -17.13 2.55
N ASN A 308 4.87 -17.79 2.64
CA ASN A 308 5.00 -19.00 3.46
C ASN A 308 6.46 -19.30 3.72
N THR A 309 6.66 -20.09 4.76
CA THR A 309 7.97 -20.46 5.28
C THR A 309 8.32 -21.92 4.97
N ASP A 310 7.32 -22.78 4.81
CA ASP A 310 7.55 -24.21 4.56
C ASP A 310 7.97 -24.47 3.11
N ALA A 311 8.39 -25.71 2.85
CA ALA A 311 8.80 -26.11 1.51
C ALA A 311 7.63 -26.07 0.52
N PRO A 312 7.77 -25.33 -0.58
CA PRO A 312 8.89 -24.46 -0.89
C PRO A 312 8.53 -23.01 -0.50
N PRO A 313 9.49 -22.25 0.03
CA PRO A 313 9.27 -20.87 0.47
C PRO A 313 8.96 -19.93 -0.70
N ARG A 314 8.06 -18.98 -0.49
CA ARG A 314 7.63 -18.10 -1.59
C ARG A 314 7.51 -16.65 -1.16
N THR A 315 8.04 -15.79 -2.00
CA THR A 315 7.85 -14.35 -1.90
C THR A 315 6.99 -13.97 -3.10
N ILE A 316 6.00 -13.13 -2.88
CA ILE A 316 5.11 -12.68 -3.95
C ILE A 316 5.42 -11.22 -4.22
N PHE A 317 5.40 -10.84 -5.50
CA PHE A 317 5.65 -9.48 -5.89
C PHE A 317 4.58 -9.05 -6.92
N LEU A 318 4.12 -7.81 -6.79
CA LEU A 318 3.11 -7.26 -7.68
C LEU A 318 3.49 -5.82 -8.04
N ASN A 319 3.54 -5.55 -9.36
CA ASN A 319 3.74 -4.19 -9.85
C ASN A 319 3.23 -4.15 -11.29
N SER A 320 3.38 -3.00 -11.96
CA SER A 320 3.16 -2.97 -13.41
C SER A 320 4.44 -3.38 -14.13
N ALA A 321 4.45 -4.55 -14.77
CA ALA A 321 5.68 -5.11 -15.36
C ALA A 321 5.97 -4.46 -16.72
N SER A 322 6.39 -3.21 -16.68
CA SER A 322 6.62 -2.38 -17.86
C SER A 322 7.46 -1.20 -17.46
N SER A 323 8.32 -0.73 -18.37
CA SER A 323 9.07 0.47 -18.07
C SER A 323 8.31 1.75 -18.40
N ASP A 324 7.15 1.68 -19.05
CA ASP A 324 6.40 2.93 -19.31
C ASP A 324 4.89 2.97 -19.12
N SER A 325 4.28 1.89 -18.68
CA SER A 325 2.84 1.86 -18.48
C SER A 325 2.54 1.29 -17.10
N ARG A 326 1.52 1.84 -16.45
CA ARG A 326 0.99 1.27 -15.21
C ARG A 326 -0.09 0.21 -15.45
N ARG A 327 -0.42 -0.08 -16.71
CA ARG A 327 -1.51 -1.01 -17.06
C ARG A 327 -1.03 -2.40 -17.48
N GLN A 328 0.06 -2.86 -16.88
CA GLN A 328 0.63 -4.18 -17.16
C GLN A 328 0.85 -4.91 -15.84
N MET A 329 -0.16 -4.85 -14.99
CA MET A 329 -0.06 -5.45 -13.66
C MET A 329 0.26 -6.95 -13.74
N ARG A 330 1.27 -7.33 -13.00
CA ARG A 330 1.77 -8.71 -12.99
C ARG A 330 2.11 -9.15 -11.58
N VAL A 331 1.53 -10.26 -11.15
CA VAL A 331 1.83 -10.85 -9.87
C VAL A 331 2.81 -12.01 -10.12
N ARG A 332 3.82 -12.13 -9.28
CA ARG A 332 4.90 -13.10 -9.50
C ARG A 332 5.33 -13.81 -8.23
N ILE A 333 5.97 -14.96 -8.41
CA ILE A 333 6.51 -15.73 -7.29
C ILE A 333 8.02 -15.89 -7.42
N SER A 334 8.76 -15.68 -6.34
CA SER A 334 10.20 -16.07 -6.27
C SER A 334 10.33 -17.20 -5.25
N TYR A 335 11.10 -18.22 -5.61
CA TYR A 335 11.42 -19.31 -4.71
C TYR A 335 12.83 -19.16 -4.13
N ASP A 336 13.57 -18.13 -4.53
CA ASP A 336 14.93 -17.94 -4.05
C ASP A 336 14.98 -17.51 -2.59
N ALA A 337 16.02 -17.95 -1.90
CA ALA A 337 16.21 -17.62 -0.49
C ALA A 337 16.35 -16.12 -0.27
N ASP A 338 16.85 -15.43 -1.28
CA ASP A 338 17.08 -13.99 -1.24
C ASP A 338 16.16 -13.22 -2.20
N ALA A 339 15.12 -13.87 -2.69
CA ALA A 339 14.22 -13.29 -3.69
C ALA A 339 14.96 -12.64 -4.86
N ALA A 340 16.03 -13.30 -5.30
CA ALA A 340 16.83 -12.79 -6.42
C ALA A 340 16.05 -12.78 -7.73
N LYS A 341 15.39 -13.87 -8.05
CA LYS A 341 14.73 -14.03 -9.36
C LYS A 341 13.28 -14.47 -9.19
N TYR A 342 12.42 -13.98 -10.08
CA TYR A 342 10.99 -14.33 -10.04
C TYR A 342 10.57 -15.04 -11.32
N ASP A 343 9.55 -15.88 -11.25
CA ASP A 343 8.91 -16.38 -12.46
C ASP A 343 8.22 -15.23 -13.24
N TYR A 344 7.75 -15.54 -14.44
CA TYR A 344 7.02 -14.55 -15.21
C TYR A 344 5.76 -14.14 -14.42
N GLY A 345 5.10 -15.11 -13.81
CA GLY A 345 3.90 -14.87 -13.01
C GLY A 345 2.67 -14.83 -13.86
N ARG A 346 1.73 -13.93 -13.54
CA ARG A 346 0.50 -13.83 -14.31
C ARG A 346 0.02 -12.41 -14.39
N LYS A 347 -0.45 -12.03 -15.58
CA LYS A 347 -1.06 -10.74 -15.79
C LYS A 347 -2.45 -10.70 -15.15
N LEU A 348 -2.72 -9.69 -14.34
CA LEU A 348 -4.06 -9.50 -13.80
C LEU A 348 -5.10 -9.32 -14.90
N ALA A 349 -4.67 -8.82 -16.07
CA ALA A 349 -5.59 -8.64 -17.20
C ALA A 349 -6.15 -9.98 -17.69
N ASP A 350 -5.54 -11.09 -17.30
CA ASP A 350 -6.11 -12.43 -17.63
C ASP A 350 -7.45 -12.63 -16.93
N ALA A 351 -7.69 -11.90 -15.85
CA ALA A 351 -8.97 -11.92 -15.14
C ALA A 351 -9.47 -10.49 -14.95
N PRO A 352 -9.91 -9.87 -16.05
CA PRO A 352 -10.20 -8.45 -16.01
C PRO A 352 -11.53 -8.13 -15.38
N VAL A 353 -11.63 -6.90 -14.88
CA VAL A 353 -12.84 -6.33 -14.33
C VAL A 353 -13.39 -5.34 -15.35
N SER A 354 -14.71 -5.33 -15.51
CA SER A 354 -15.37 -4.39 -16.39
C SER A 354 -16.19 -3.35 -15.60
N GLY A 355 -16.24 -2.12 -16.11
CA GLY A 355 -17.08 -1.08 -15.52
C GLY A 355 -16.48 -0.31 -14.37
N ALA A 356 -15.19 -0.53 -14.09
CA ALA A 356 -14.51 0.12 -12.99
C ALA A 356 -13.23 0.85 -13.43
N GLY A 357 -13.13 1.12 -14.72
CA GLY A 357 -11.98 1.82 -15.27
C GLY A 357 -10.91 0.89 -15.78
N TYR A 358 -9.80 1.50 -16.18
CA TYR A 358 -8.68 0.77 -16.71
C TYR A 358 -7.74 0.49 -15.56
N GLU A 359 -7.57 -0.80 -15.26
CA GLU A 359 -6.84 -1.23 -14.05
C GLU A 359 -5.32 -1.10 -14.21
N GLY A 360 -4.69 -0.63 -13.13
CA GLY A 360 -3.28 -0.50 -13.06
C GLY A 360 -2.85 0.68 -12.24
N GLY A 361 -1.83 0.46 -11.41
CA GLY A 361 -1.23 1.52 -10.61
C GLY A 361 -0.75 0.94 -9.30
N TYR A 362 -0.95 1.70 -8.24
CA TYR A 362 -0.52 1.29 -6.91
C TYR A 362 -1.29 0.03 -6.49
N SER A 363 -0.69 -0.77 -5.63
CA SER A 363 -1.24 -2.07 -5.23
C SER A 363 -0.84 -2.40 -3.81
N SER A 364 -1.59 -3.32 -3.20
CA SER A 364 -1.22 -3.83 -1.89
C SER A 364 -1.67 -5.26 -1.82
N MET A 365 -0.91 -6.10 -1.13
CA MET A 365 -1.28 -7.52 -0.98
C MET A 365 -1.22 -7.97 0.47
N THR A 366 -2.10 -8.89 0.79
CA THR A 366 -2.05 -9.64 2.05
C THR A 366 -2.36 -11.12 1.78
N LYS A 367 -2.09 -11.97 2.77
CA LYS A 367 -2.48 -13.36 2.73
C LYS A 367 -3.76 -13.52 3.55
N THR A 368 -4.84 -13.97 2.91
CA THR A 368 -6.12 -14.16 3.60
C THR A 368 -6.07 -15.38 4.51
N ALA A 369 -7.02 -15.47 5.44
CA ALA A 369 -7.10 -16.60 6.35
C ALA A 369 -7.48 -17.90 5.64
N ASP A 370 -8.08 -17.80 4.45
CA ASP A 370 -8.40 -18.97 3.63
C ASP A 370 -7.35 -19.21 2.52
N TYR A 371 -6.11 -18.78 2.78
CA TYR A 371 -4.96 -19.15 1.97
C TYR A 371 -5.07 -18.69 0.51
N LYS A 372 -5.52 -17.45 0.32
CA LYS A 372 -5.46 -16.75 -0.95
C LYS A 372 -4.56 -15.54 -0.81
N ILE A 373 -4.13 -15.05 -1.96
CA ILE A 373 -3.57 -13.71 -2.05
C ILE A 373 -4.75 -12.76 -2.19
N GLY A 374 -4.84 -11.77 -1.32
CA GLY A 374 -5.83 -10.72 -1.44
C GLY A 374 -5.09 -9.48 -1.86
N ALA A 375 -5.51 -8.87 -2.96
CA ALA A 375 -4.83 -7.71 -3.51
C ALA A 375 -5.78 -6.54 -3.80
N LEU A 376 -5.36 -5.33 -3.46
CA LEU A 376 -6.04 -4.11 -3.91
C LEU A 376 -5.21 -3.53 -5.03
N VAL A 377 -5.89 -3.13 -6.13
CA VAL A 377 -5.22 -2.50 -7.26
C VAL A 377 -5.99 -1.26 -7.72
N GLU A 378 -5.28 -0.17 -7.95
CA GLU A 378 -5.85 1.06 -8.52
C GLU A 378 -6.39 0.84 -9.91
N SER A 379 -7.41 1.62 -10.25
CA SER A 379 -8.02 1.64 -11.58
C SER A 379 -8.46 3.08 -11.90
N ASP A 380 -8.43 3.43 -13.19
CA ASP A 380 -8.59 4.81 -13.65
C ASP A 380 -9.61 4.81 -14.77
N PHE A 381 -10.74 5.47 -14.57
CA PHE A 381 -11.70 5.63 -15.64
C PHE A 381 -11.19 6.43 -16.83
N PHE A 382 -10.24 7.32 -16.62
CA PHE A 382 -9.55 8.01 -17.71
C PHE A 382 -10.46 8.96 -18.48
N ASN A 383 -11.57 9.36 -17.86
CA ASN A 383 -12.58 10.25 -18.49
C ASN A 383 -12.05 11.67 -18.73
N ASP A 384 -11.05 12.10 -17.97
CA ASP A 384 -10.40 13.38 -18.19
C ASP A 384 -8.93 13.11 -18.60
N GLY A 385 -8.67 11.98 -19.27
CA GLY A 385 -7.29 11.57 -19.58
C GLY A 385 -6.42 11.55 -18.33
N THR A 386 -5.25 12.19 -18.38
CA THR A 386 -4.37 12.30 -17.21
C THR A 386 -4.76 13.45 -16.30
N GLY A 387 -5.81 14.17 -16.64
CA GLY A 387 -6.26 15.29 -15.82
C GLY A 387 -6.87 14.92 -14.47
N GLY A 388 -7.03 15.93 -13.63
CA GLY A 388 -7.57 15.75 -12.30
C GLY A 388 -9.01 15.25 -12.19
N GLY A 389 -9.81 15.42 -13.23
CA GLY A 389 -11.19 14.98 -13.20
C GLY A 389 -11.41 13.48 -13.45
N SER A 390 -10.36 12.74 -13.82
CA SER A 390 -10.50 11.31 -14.12
C SER A 390 -10.77 10.53 -12.83
N TYR A 391 -11.89 9.83 -12.80
CA TYR A 391 -12.32 9.13 -11.61
C TYR A 391 -11.42 7.92 -11.37
N ARG A 392 -11.02 7.72 -10.11
CA ARG A 392 -10.19 6.59 -9.73
C ARG A 392 -10.89 5.69 -8.72
N SER A 393 -10.85 4.39 -8.99
CA SER A 393 -11.47 3.37 -8.16
C SER A 393 -10.38 2.38 -7.72
N ILE A 394 -10.74 1.49 -6.82
CA ILE A 394 -9.83 0.46 -6.36
C ILE A 394 -10.52 -0.88 -6.40
N ILE A 395 -9.87 -1.83 -7.08
CA ILE A 395 -10.36 -3.16 -7.27
C ILE A 395 -9.79 -4.06 -6.18
N TRP A 396 -10.63 -4.96 -5.66
CA TRP A 396 -10.18 -6.07 -4.80
C TRP A 396 -10.14 -7.38 -5.54
N ARG A 397 -9.06 -8.13 -5.34
CA ARG A 397 -8.85 -9.40 -6.00
C ARG A 397 -8.49 -10.42 -4.93
N ARG A 398 -9.04 -11.63 -5.08
CA ARG A 398 -8.53 -12.81 -4.39
C ARG A 398 -8.11 -13.82 -5.46
N PHE A 399 -6.95 -14.44 -5.25
CA PHE A 399 -6.55 -15.58 -6.12
C PHE A 399 -5.67 -16.53 -5.34
N ASN A 400 -5.70 -17.81 -5.73
CA ASN A 400 -4.82 -18.80 -5.12
C ASN A 400 -3.53 -18.88 -5.92
N LEU A 401 -2.54 -19.50 -5.33
CA LEU A 401 -1.25 -19.67 -6.02
C LEU A 401 -1.43 -20.37 -7.35
N SER A 402 -2.31 -21.36 -7.37
CA SER A 402 -2.60 -22.10 -8.59
C SER A 402 -2.95 -21.16 -9.73
N TRP A 403 -3.77 -20.14 -9.44
CA TRP A 403 -4.17 -19.20 -10.49
C TRP A 403 -2.95 -18.56 -11.16
N ILE A 404 -1.95 -18.23 -10.36
CA ILE A 404 -0.73 -17.61 -10.86
C ILE A 404 0.04 -18.65 -11.66
N LEU A 405 0.22 -19.81 -11.05
CA LEU A 405 1.04 -20.86 -11.62
C LEU A 405 0.45 -21.42 -12.92
N ASN A 406 -0.87 -21.34 -13.11
CA ASN A 406 -1.51 -21.83 -14.32
C ASN A 406 -1.70 -20.76 -15.40
N GLY A 407 -1.05 -19.62 -15.22
CA GLY A 407 -1.04 -18.59 -16.23
C GLY A 407 -0.21 -18.99 -17.42
N PRO A 408 -0.51 -18.39 -18.56
CA PRO A 408 0.13 -18.84 -19.78
C PRO A 408 1.65 -18.72 -19.87
N ASN A 409 2.34 -18.22 -18.83
CA ASN A 409 3.79 -18.49 -18.68
C ASN A 409 4.22 -18.86 -17.25
C1 FKD B . 1.81 8.32 -8.07
F1 FKD B . 0.45 10.03 -6.49
C2 FKD B . 2.05 8.48 -6.57
C3 FKD B . 0.84 8.97 -5.84
C4 FKD B . 1.18 9.38 -4.41
O4 FKD B . 0.06 10.00 -3.80
C5 FKD B . 2.39 10.35 -4.41
O5 FKD B . 2.77 10.67 -3.06
C6 FKD B . 3.56 9.72 -5.14
O6 FKD B . 3.14 9.40 -6.47
C7 FKD B . 4.77 10.68 -5.24
O7 FKD B . 4.39 11.84 -5.99
C8 FKD B . 5.96 9.99 -5.94
O8 FKD B . 6.40 8.85 -5.22
C9 FKD B . 7.17 10.96 -6.11
O9 FKD B . 7.55 11.49 -4.85
O1A FKD B . 0.66 8.06 -8.45
O1B FKD B . 2.82 8.41 -8.80
O1A K99 C . -12.45 17.86 6.18
C1 K99 C . -13.24 17.01 5.63
O1B K99 C . -12.93 16.21 4.70
C2 K99 C . -14.67 16.90 6.16
C3 K99 C . -15.27 15.51 6.05
F1 K99 C . -16.67 15.54 6.49
C4 K99 C . -14.57 14.50 6.95
O4 K99 C . -15.27 13.25 6.78
O6 K99 C . -14.70 17.31 7.58
C6 K99 C . -13.92 16.45 8.47
C5 K99 C . -14.55 15.01 8.43
O5 K99 C . -13.78 14.14 9.24
C7 K99 C . -13.82 17.11 9.86
O7 K99 C . -15.09 17.01 10.54
C8 K99 C . -13.42 18.62 9.76
O8 K99 C . -12.48 18.81 8.71
C9 K99 C . -12.80 19.19 11.05
O9 K99 C . -11.95 18.25 11.72
F2 K99 C . -15.46 17.63 5.37
C1 GOL D . -13.58 0.66 -18.38
O1 GOL D . -14.43 1.38 -17.45
C2 GOL D . -13.55 -0.84 -18.01
O2 GOL D . -14.78 -1.48 -18.38
C3 GOL D . -12.40 -1.59 -18.70
O3 GOL D . -12.53 -1.52 -20.12
C1 GOL E . -3.12 11.42 -10.26
O1 GOL E . -3.93 10.89 -9.21
C2 GOL E . -2.04 12.34 -9.67
O2 GOL E . -0.98 11.60 -9.04
C3 GOL E . -1.39 13.16 -10.77
O3 GOL E . -0.42 14.03 -10.17
CL CL F . 6.85 9.63 -2.37
CA CA G . -10.54 16.49 5.47
#